data_6FWE
#
_entry.id   6FWE
#
_cell.length_a   69.540
_cell.length_b   69.540
_cell.length_c   185.840
_cell.angle_alpha   90.00
_cell.angle_beta   90.00
_cell.angle_gamma   90.00
#
_symmetry.space_group_name_H-M   'P 43 21 2'
#
loop_
_entity.id
_entity.type
_entity.pdbx_description
1 polymer 'Parathion hydrolase'
2 non-polymer 'FORMIC ACID'
3 non-polymer 'ZINC ION'
4 non-polymer 1-[methoxy(methyl)phosphoryl]oxyethane
5 non-polymer 1-ethyl-1-methyl-cyclohexane
6 non-polymer GLYCEROL
7 non-polymer 'SULFATE ION'
8 water water
#
_entity_poly.entity_id   1
_entity_poly.type   'polypeptide(L)'
_entity_poly.pdbx_seq_one_letter_code
;GDRINTVRGPITISEAGFTLTHEHICGSSAGFLRAWPEFFGSRAALVEKAVRGLRRARAAGVRTIVDVSTFDIGRDVSLL
AEVSRAADVHIVAATGLWEDPPLSMRLRSVEELTQFFLREIQYGIEDTGIRAGIIKVATNGKATPFQELVLRAAARASLA
TGVPVTTHTAASQRDGEQQAAIFESEGLSPSRVCIGHSDDTDDLSYLTALAARGYLIGLDGIPHSAIGLEDNASASALLG
NRSWQTRALLIKALIDQGYMKQILVSNDWLFGFSSYVTNIMDVMDSVNPDGMAFIPLRVIPFLREKGVSQETLAGITVTN
PARFLSPTLRAS
;
_entity_poly.pdbx_strand_id   A
#
# COMPACT_ATOMS: atom_id res chain seq x y z
N ASP A 2 -11.18 -15.51 -10.14
CA ASP A 2 -10.53 -15.02 -11.36
C ASP A 2 -10.90 -13.53 -11.64
N ARG A 3 -11.36 -12.78 -10.62
CA ARG A 3 -11.55 -11.34 -10.85
C ARG A 3 -11.06 -10.55 -9.58
N ILE A 4 -10.56 -9.34 -9.84
CA ILE A 4 -10.13 -8.43 -8.74
C ILE A 4 -11.13 -7.25 -8.78
N ASN A 5 -11.68 -6.91 -7.62
CA ASN A 5 -12.50 -5.69 -7.50
C ASN A 5 -11.68 -4.39 -7.60
N THR A 6 -12.16 -3.46 -8.42
CA THR A 6 -11.63 -2.11 -8.54
C THR A 6 -12.74 -1.15 -8.29
N VAL A 7 -12.36 0.11 -8.26
CA VAL A 7 -13.35 1.20 -8.05
C VAL A 7 -14.28 1.38 -9.21
N ARG A 8 -13.94 0.75 -10.35
CA ARG A 8 -14.86 0.71 -11.53
C ARG A 8 -15.45 -0.63 -11.80
N GLY A 9 -15.38 -1.55 -10.85
CA GLY A 9 -15.82 -2.90 -11.00
C GLY A 9 -14.79 -4.00 -11.14
N PRO A 10 -15.24 -5.25 -11.34
CA PRO A 10 -14.33 -6.41 -11.42
C PRO A 10 -13.48 -6.33 -12.69
N ILE A 11 -12.23 -6.72 -12.58
CA ILE A 11 -11.35 -6.82 -13.75
C ILE A 11 -10.72 -8.20 -13.72
N THR A 12 -10.28 -8.66 -14.92
CA THR A 12 -9.61 -9.91 -14.97
C THR A 12 -8.18 -9.77 -14.47
N ILE A 13 -7.59 -10.89 -14.06
CA ILE A 13 -6.19 -10.86 -13.69
C ILE A 13 -5.27 -10.29 -14.73
N SER A 14 -5.44 -10.68 -16.02
CA SER A 14 -4.59 -10.15 -17.05
C SER A 14 -4.76 -8.68 -17.29
N GLU A 15 -5.89 -8.09 -16.95
CA GLU A 15 -6.09 -6.64 -17.13
C GLU A 15 -5.29 -5.79 -16.11
N ALA A 16 -4.90 -6.41 -15.02
CA ALA A 16 -4.20 -5.64 -13.94
C ALA A 16 -2.92 -5.14 -14.44
N GLY A 17 -2.15 -6.02 -15.17
CA GLY A 17 -0.90 -5.51 -15.70
C GLY A 17 0.06 -5.00 -14.63
N PHE A 18 0.96 -4.11 -15.02
CA PHE A 18 1.98 -3.54 -14.14
C PHE A 18 1.19 -2.85 -13.00
N THR A 19 1.44 -3.31 -11.76
CA THR A 19 0.63 -2.89 -10.62
C THR A 19 1.55 -2.38 -9.51
N LEU A 20 1.27 -1.16 -9.00
CA LEU A 20 1.89 -0.61 -7.83
C LEU A 20 1.02 -0.99 -6.64
N THR A 21 1.56 -1.70 -5.66
CA THR A 21 0.75 -2.35 -4.65
C THR A 21 0.58 -1.56 -3.36
N HIS A 22 1.14 -0.39 -3.27
CA HIS A 22 0.99 0.41 -2.04
C HIS A 22 1.10 1.88 -2.39
N GLU A 23 -0.04 2.51 -2.66
CA GLU A 23 -0.12 3.85 -3.08
C GLU A 23 -1.36 4.55 -2.43
N HIS A 24 -1.44 5.89 -2.55
CA HIS A 24 -2.55 6.65 -2.03
C HIS A 24 -2.94 7.75 -3.05
N ILE A 25 -4.23 7.95 -3.30
CA ILE A 25 -4.62 9.19 -3.96
C ILE A 25 -4.43 10.33 -2.96
N CYS A 26 -5.02 10.15 -1.76
CA CYS A 26 -4.94 11.21 -0.78
C CYS A 26 -4.77 10.56 0.59
N GLY A 27 -3.80 11.02 1.31
CA GLY A 27 -3.63 10.59 2.68
C GLY A 27 -4.22 11.60 3.63
N SER A 28 -5.35 11.26 4.14
CA SER A 28 -6.13 12.22 4.91
C SER A 28 -6.75 11.50 6.14
N SER A 29 -7.92 11.96 6.50
CA SER A 29 -8.68 11.43 7.68
C SER A 29 -10.17 11.33 7.29
N ALA A 30 -10.93 10.43 7.97
CA ALA A 30 -12.31 10.25 7.62
C ALA A 30 -13.11 11.55 7.69
N GLY A 31 -13.83 11.88 6.61
CA GLY A 31 -14.65 13.07 6.54
C GLY A 31 -13.93 14.37 6.22
N PHE A 32 -12.60 14.36 6.20
CA PHE A 32 -11.82 15.59 6.12
C PHE A 32 -11.91 16.29 4.80
N LEU A 33 -11.81 15.51 3.72
CA LEU A 33 -11.88 16.09 2.38
C LEU A 33 -13.29 16.69 2.16
N ARG A 34 -14.34 16.07 2.72
CA ARG A 34 -15.69 16.56 2.57
C ARG A 34 -15.89 17.88 3.42
N ALA A 35 -15.33 17.88 4.62
CA ALA A 35 -15.43 19.04 5.51
C ALA A 35 -14.53 20.24 5.22
N TRP A 36 -13.35 20.04 4.63
CA TRP A 36 -12.35 21.08 4.54
C TRP A 36 -11.56 20.91 3.20
N PRO A 37 -12.28 20.97 2.08
CA PRO A 37 -11.63 20.75 0.79
C PRO A 37 -10.62 21.82 0.46
N GLU A 38 -10.77 23.04 1.03
CA GLU A 38 -9.85 24.11 0.80
C GLU A 38 -8.48 23.78 1.32
N PHE A 39 -8.35 22.83 2.26
CA PHE A 39 -6.99 22.48 2.69
C PHE A 39 -6.12 22.02 1.52
N PHE A 40 -6.74 21.42 0.54
CA PHE A 40 -6.04 20.89 -0.63
C PHE A 40 -6.06 21.89 -1.77
N GLY A 41 -6.42 23.18 -1.49
CA GLY A 41 -6.76 24.11 -2.56
C GLY A 41 -8.23 24.04 -2.88
N SER A 42 -8.63 22.94 -3.48
CA SER A 42 -9.98 22.55 -3.69
C SER A 42 -10.01 21.07 -4.03
N ARG A 43 -11.19 20.50 -3.97
CA ARG A 43 -11.39 19.10 -4.43
C ARG A 43 -11.02 19.00 -5.90
N ALA A 44 -11.44 19.96 -6.71
CA ALA A 44 -11.10 19.89 -8.14
C ALA A 44 -9.60 19.94 -8.38
N ALA A 45 -8.85 20.72 -7.60
CA ALA A 45 -7.44 20.81 -7.77
C ALA A 45 -6.76 19.43 -7.43
N LEU A 46 -7.25 18.80 -6.36
CA LEU A 46 -6.70 17.49 -5.95
C LEU A 46 -6.97 16.43 -7.04
N VAL A 47 -8.19 16.46 -7.58
CA VAL A 47 -8.56 15.57 -8.69
C VAL A 47 -7.63 15.78 -9.88
N GLU A 48 -7.43 17.03 -10.24
CA GLU A 48 -6.53 17.36 -11.41
C GLU A 48 -5.11 16.92 -11.19
N LYS A 49 -4.62 17.11 -10.00
CA LYS A 49 -3.29 16.73 -9.66
C LYS A 49 -3.16 15.19 -9.77
N ALA A 50 -4.11 14.49 -9.19
CA ALA A 50 -4.05 13.03 -9.18
C ALA A 50 -4.18 12.43 -10.63
N VAL A 51 -5.02 13.06 -11.45
CA VAL A 51 -5.18 12.56 -12.80
C VAL A 51 -3.86 12.80 -13.54
N ARG A 52 -3.29 14.00 -13.42
CA ARG A 52 -2.03 14.28 -14.11
C ARG A 52 -0.97 13.27 -13.70
N GLY A 53 -0.92 13.01 -12.43
CA GLY A 53 0.07 12.06 -11.95
C GLY A 53 -0.17 10.64 -12.41
N LEU A 54 -1.39 10.18 -12.39
CA LEU A 54 -1.67 8.82 -12.81
C LEU A 54 -1.46 8.71 -14.33
N ARG A 55 -1.75 9.79 -15.08
CA ARG A 55 -1.46 9.78 -16.54
C ARG A 55 0.03 9.65 -16.78
N ARG A 56 0.87 10.31 -16.00
CA ARG A 56 2.35 10.18 -16.16
C ARG A 56 2.77 8.80 -15.80
N ALA A 57 2.19 8.25 -14.73
CA ALA A 57 2.49 6.82 -14.42
C ALA A 57 2.09 5.84 -15.52
N ARG A 58 0.89 6.00 -16.08
CA ARG A 58 0.41 5.11 -17.11
C ARG A 58 1.35 5.20 -18.31
N ALA A 59 1.80 6.40 -18.62
CA ALA A 59 2.73 6.58 -19.80
C ALA A 59 4.03 5.85 -19.55
N ALA A 60 4.46 5.78 -18.28
CA ALA A 60 5.61 4.98 -17.88
C ALA A 60 5.40 3.44 -17.75
N GLY A 61 4.20 2.94 -17.88
CA GLY A 61 3.87 1.51 -17.98
C GLY A 61 2.96 1.02 -16.89
N VAL A 62 2.61 1.89 -15.94
CA VAL A 62 1.66 1.43 -14.84
C VAL A 62 0.25 1.24 -15.34
N ARG A 63 -0.44 0.16 -14.97
CA ARG A 63 -1.78 -0.08 -15.40
C ARG A 63 -2.75 -0.12 -14.21
N THR A 64 -2.25 -0.42 -13.01
CA THR A 64 -3.13 -0.56 -11.85
C THR A 64 -2.37 0.01 -10.68
N ILE A 65 -3.08 0.75 -9.78
CA ILE A 65 -2.54 0.97 -8.41
C ILE A 65 -3.48 0.41 -7.40
N VAL A 66 -2.90 -0.02 -6.29
CA VAL A 66 -3.62 -0.41 -5.08
C VAL A 66 -3.55 0.75 -4.09
N ASP A 67 -4.71 1.38 -3.90
CA ASP A 67 -4.85 2.53 -2.98
C ASP A 67 -5.13 1.92 -1.60
N VAL A 68 -4.11 1.92 -0.78
CA VAL A 68 -4.23 1.26 0.52
C VAL A 68 -4.68 2.21 1.60
N SER A 69 -5.39 3.26 1.20
CA SER A 69 -6.06 4.06 2.14
C SER A 69 -7.32 3.42 2.73
N THR A 70 -7.40 3.36 4.06
CA THR A 70 -8.55 2.87 4.77
C THR A 70 -9.56 3.96 5.05
N PHE A 71 -10.58 3.55 5.84
CA PHE A 71 -11.55 4.49 6.54
C PHE A 71 -10.85 5.63 7.22
N ASP A 72 -9.84 5.32 8.05
CA ASP A 72 -9.18 6.32 8.84
C ASP A 72 -8.10 7.09 8.14
N ILE A 73 -7.73 6.72 6.95
CA ILE A 73 -6.93 7.53 6.03
C ILE A 73 -7.80 8.42 5.18
N GLY A 74 -9.08 8.39 5.43
CA GLY A 74 -10.02 9.26 4.72
C GLY A 74 -10.28 8.90 3.28
N ARG A 75 -10.13 7.59 2.97
CA ARG A 75 -10.43 7.02 1.66
C ARG A 75 -11.80 7.51 1.22
N ASP A 76 -11.78 8.04 0.03
CA ASP A 76 -12.99 8.51 -0.67
C ASP A 76 -13.14 7.80 -1.96
N VAL A 77 -13.90 6.70 -1.95
CA VAL A 77 -13.94 5.85 -3.12
C VAL A 77 -14.53 6.52 -4.34
N SER A 78 -15.38 7.54 -4.16
N SER A 78 -15.46 7.46 -4.07
CA SER A 78 -15.88 8.29 -5.33
CA SER A 78 -16.00 8.31 -5.09
C SER A 78 -14.82 9.20 -5.96
C SER A 78 -14.87 9.03 -5.86
N LEU A 79 -13.91 9.68 -5.14
CA LEU A 79 -12.75 10.35 -5.64
C LEU A 79 -11.82 9.38 -6.42
N LEU A 80 -11.61 8.19 -5.85
CA LEU A 80 -10.78 7.21 -6.56
C LEU A 80 -11.42 6.83 -7.95
N ALA A 81 -12.73 6.61 -7.97
CA ALA A 81 -13.43 6.27 -9.20
C ALA A 81 -13.29 7.37 -10.24
N GLU A 82 -13.44 8.60 -9.82
CA GLU A 82 -13.29 9.72 -10.74
C GLU A 82 -11.90 9.77 -11.35
N VAL A 83 -10.88 9.61 -10.50
CA VAL A 83 -9.49 9.69 -10.91
C VAL A 83 -9.17 8.50 -11.82
N SER A 84 -9.64 7.34 -11.44
CA SER A 84 -9.41 6.09 -12.21
C SER A 84 -10.01 6.21 -13.65
N ARG A 85 -11.24 6.71 -13.70
CA ARG A 85 -11.89 6.94 -15.05
C ARG A 85 -11.10 7.90 -15.90
N ALA A 86 -10.70 9.03 -15.34
CA ALA A 86 -10.09 10.11 -16.07
C ALA A 86 -8.68 9.74 -16.51
N ALA A 87 -7.96 8.95 -15.70
CA ALA A 87 -6.57 8.61 -16.03
C ALA A 87 -6.40 7.28 -16.77
N ASP A 88 -7.45 6.46 -16.82
CA ASP A 88 -7.42 5.11 -17.42
C ASP A 88 -6.36 4.29 -16.71
N VAL A 89 -6.39 4.35 -15.38
CA VAL A 89 -5.54 3.47 -14.53
C VAL A 89 -6.51 2.78 -13.56
N HIS A 90 -6.44 1.46 -13.43
CA HIS A 90 -7.30 0.75 -12.53
C HIS A 90 -6.85 1.15 -11.11
N ILE A 91 -7.84 1.25 -10.19
CA ILE A 91 -7.49 1.47 -8.75
C ILE A 91 -8.25 0.43 -7.93
N VAL A 92 -7.50 -0.32 -7.09
CA VAL A 92 -8.08 -1.23 -6.13
C VAL A 92 -8.16 -0.48 -4.81
N ALA A 93 -9.35 -0.50 -4.23
CA ALA A 93 -9.59 0.14 -2.97
C ALA A 93 -9.35 -0.84 -1.81
N ALA A 94 -9.18 -0.28 -0.60
CA ALA A 94 -8.89 -1.02 0.62
C ALA A 94 -9.98 -0.89 1.64
N THR A 95 -10.08 -1.88 2.50
CA THR A 95 -10.77 -1.81 3.77
C THR A 95 -9.70 -1.97 4.86
N GLY A 96 -10.13 -2.18 6.09
CA GLY A 96 -9.20 -2.32 7.21
C GLY A 96 -9.10 -0.99 7.99
N LEU A 97 -8.12 -0.94 8.87
CA LEU A 97 -7.86 0.26 9.71
C LEU A 97 -6.35 0.47 9.86
N TRP A 98 -5.99 1.73 9.71
CA TRP A 98 -4.59 2.16 9.90
C TRP A 98 -4.40 2.66 11.29
N GLU A 99 -3.48 3.61 11.49
CA GLU A 99 -3.06 3.98 12.82
C GLU A 99 -3.85 5.06 13.50
N ASP A 100 -4.92 5.50 12.90
CA ASP A 100 -5.68 6.64 13.42
C ASP A 100 -7.16 6.35 13.53
N PRO A 101 -7.52 5.15 14.04
CA PRO A 101 -8.97 4.86 14.12
C PRO A 101 -9.63 5.79 15.21
N PRO A 102 -10.86 6.23 14.92
CA PRO A 102 -11.62 7.00 15.90
C PRO A 102 -12.19 6.15 16.99
N LEU A 103 -12.79 6.79 17.99
CA LEU A 103 -13.41 6.02 19.08
C LEU A 103 -14.45 5.02 18.62
N SER A 104 -15.30 5.38 17.63
CA SER A 104 -16.31 4.45 17.17
C SER A 104 -15.75 3.12 16.59
N MET A 105 -14.53 3.15 16.12
CA MET A 105 -13.83 1.93 15.73
C MET A 105 -13.07 1.34 16.87
N ARG A 106 -12.34 2.12 17.68
CA ARG A 106 -11.47 1.60 18.72
C ARG A 106 -12.13 0.83 19.82
N LEU A 107 -13.43 1.08 20.00
CA LEU A 107 -14.22 0.44 21.08
C LEU A 107 -14.83 -0.87 20.58
N ARG A 108 -14.64 -1.22 19.30
CA ARG A 108 -15.31 -2.43 18.77
C ARG A 108 -14.58 -3.73 19.06
N SER A 109 -15.38 -4.82 19.03
CA SER A 109 -14.84 -6.18 19.22
C SER A 109 -14.25 -6.72 17.94
N VAL A 110 -13.53 -7.85 18.07
CA VAL A 110 -13.06 -8.55 16.89
C VAL A 110 -14.19 -8.94 15.95
N GLU A 111 -15.29 -9.42 16.51
CA GLU A 111 -16.43 -9.80 15.66
C GLU A 111 -17.00 -8.61 14.93
N GLU A 112 -17.23 -7.50 15.65
CA GLU A 112 -17.73 -6.33 14.98
C GLU A 112 -16.85 -5.79 13.90
N LEU A 113 -15.54 -5.73 14.18
CA LEU A 113 -14.62 -5.35 13.13
C LEU A 113 -14.67 -6.25 11.88
N THR A 114 -14.79 -7.54 12.11
CA THR A 114 -14.85 -8.47 11.02
C THR A 114 -16.11 -8.19 10.16
N GLN A 115 -17.24 -7.88 10.82
CA GLN A 115 -18.41 -7.48 10.07
C GLN A 115 -18.15 -6.27 9.23
N PHE A 116 -17.51 -5.25 9.79
CA PHE A 116 -17.23 -4.03 9.03
C PHE A 116 -16.33 -4.26 7.83
N PHE A 117 -15.24 -5.05 8.03
CA PHE A 117 -14.35 -5.32 6.91
C PHE A 117 -15.06 -6.17 5.81
N LEU A 118 -15.84 -7.15 6.27
CA LEU A 118 -16.68 -7.93 5.36
C LEU A 118 -17.66 -7.06 4.59
N ARG A 119 -18.22 -6.05 5.26
CA ARG A 119 -19.13 -5.20 4.55
C ARG A 119 -18.48 -4.52 3.36
N GLU A 120 -17.28 -4.02 3.57
CA GLU A 120 -16.60 -3.27 2.54
C GLU A 120 -16.07 -4.16 1.43
N ILE A 121 -15.78 -5.44 1.74
CA ILE A 121 -15.34 -6.39 0.71
C ILE A 121 -16.53 -6.95 -0.05
N GLN A 122 -17.58 -7.32 0.65
CA GLN A 122 -18.63 -8.22 0.10
C GLN A 122 -19.86 -7.42 -0.40
N TYR A 123 -20.11 -6.22 0.17
CA TYR A 123 -21.34 -5.48 -0.11
C TYR A 123 -20.96 -4.22 -0.80
N GLY A 124 -20.22 -3.38 -0.07
CA GLY A 124 -19.74 -2.17 -0.66
C GLY A 124 -19.29 -1.15 0.37
N ILE A 125 -18.59 -0.15 -0.09
CA ILE A 125 -18.07 0.98 0.70
C ILE A 125 -19.18 2.05 0.69
N GLU A 126 -19.55 2.44 1.91
CA GLU A 126 -20.63 3.44 2.05
C GLU A 126 -21.84 2.99 1.26
N ASP A 127 -22.42 3.90 0.46
CA ASP A 127 -23.55 3.56 -0.40
C ASP A 127 -23.13 3.52 -1.83
N THR A 128 -21.84 3.25 -2.13
CA THR A 128 -21.33 3.39 -3.48
C THR A 128 -21.40 2.09 -4.29
N GLY A 129 -21.53 0.97 -3.62
CA GLY A 129 -21.44 -0.35 -4.25
C GLY A 129 -20.01 -0.74 -4.68
N ILE A 130 -19.00 0.08 -4.36
CA ILE A 130 -17.60 -0.22 -4.69
C ILE A 130 -17.09 -1.13 -3.62
N ARG A 131 -16.45 -2.23 -4.01
CA ARG A 131 -15.98 -3.20 -3.02
C ARG A 131 -14.46 -3.16 -2.93
N ALA A 132 -13.96 -3.31 -1.74
CA ALA A 132 -12.54 -3.36 -1.52
C ALA A 132 -11.94 -4.66 -2.05
N GLY A 133 -10.69 -4.57 -2.49
CA GLY A 133 -9.91 -5.67 -3.00
C GLY A 133 -8.71 -6.00 -2.19
N ILE A 134 -8.59 -5.36 -0.99
CA ILE A 134 -7.44 -5.63 -0.10
C ILE A 134 -7.89 -5.14 1.28
N ILE A 135 -7.26 -5.67 2.31
CA ILE A 135 -7.45 -5.26 3.70
C ILE A 135 -6.13 -4.68 4.24
N LYS A 136 -6.14 -3.43 4.74
CA LYS A 136 -4.99 -2.77 5.22
C LYS A 136 -5.02 -2.67 6.75
N VAL A 137 -3.88 -3.04 7.44
CA VAL A 137 -3.77 -2.93 8.86
C VAL A 137 -2.46 -2.31 9.27
N ALA A 138 -2.32 -1.96 10.58
CA ALA A 138 -1.11 -1.21 10.97
C ALA A 138 -0.78 -1.50 12.40
N THR A 139 0.52 -1.50 12.67
CA THR A 139 1.13 -1.33 13.99
C THR A 139 2.31 -0.38 13.86
N ASN A 140 2.67 0.23 14.98
CA ASN A 140 3.91 1.00 15.10
C ASN A 140 4.60 0.58 16.35
N GLY A 141 5.34 -0.49 16.27
CA GLY A 141 5.82 -1.18 17.44
C GLY A 141 4.91 -2.22 17.93
N LYS A 142 5.06 -2.62 19.20
CA LYS A 142 4.19 -3.65 19.75
C LYS A 142 2.71 -3.18 19.53
N ALA A 143 1.89 -4.12 19.13
CA ALA A 143 0.48 -3.83 18.83
C ALA A 143 -0.22 -3.34 20.05
N THR A 144 -1.01 -2.30 19.91
CA THR A 144 -1.97 -2.00 20.99
C THR A 144 -2.99 -3.14 21.13
N PRO A 145 -3.76 -3.16 22.21
CA PRO A 145 -4.81 -4.20 22.29
C PRO A 145 -5.80 -4.09 21.13
N PHE A 146 -6.11 -2.84 20.76
CA PHE A 146 -7.09 -2.71 19.69
C PHE A 146 -6.46 -3.20 18.39
N GLN A 147 -5.18 -2.90 18.16
CA GLN A 147 -4.56 -3.33 16.87
C GLN A 147 -4.54 -4.85 16.81
N GLU A 148 -4.34 -5.55 17.94
CA GLU A 148 -4.47 -7.03 17.92
C GLU A 148 -5.82 -7.46 17.37
N LEU A 149 -6.87 -6.78 17.81
CA LEU A 149 -8.21 -7.07 17.29
C LEU A 149 -8.35 -6.81 15.80
N VAL A 150 -7.80 -5.67 15.35
CA VAL A 150 -7.80 -5.38 13.93
C VAL A 150 -7.11 -6.44 13.10
N LEU A 151 -5.91 -6.88 13.54
CA LEU A 151 -5.18 -7.88 12.78
C LEU A 151 -5.96 -9.19 12.76
N ARG A 152 -6.61 -9.54 13.84
CA ARG A 152 -7.41 -10.76 13.89
C ARG A 152 -8.64 -10.66 12.97
N ALA A 153 -9.31 -9.54 12.98
CA ALA A 153 -10.45 -9.28 12.12
C ALA A 153 -10.09 -9.30 10.67
N ALA A 154 -8.92 -8.73 10.31
CA ALA A 154 -8.44 -8.74 8.98
C ALA A 154 -8.21 -10.19 8.56
N ALA A 155 -7.56 -10.97 9.40
CA ALA A 155 -7.40 -12.41 9.11
C ALA A 155 -8.75 -13.12 8.86
N ARG A 156 -9.72 -12.84 9.67
CA ARG A 156 -11.03 -13.45 9.48
C ARG A 156 -11.72 -13.08 8.23
N ALA A 157 -11.62 -11.77 7.90
CA ALA A 157 -12.22 -11.28 6.71
C ALA A 157 -11.50 -11.93 5.49
N SER A 158 -10.18 -12.03 5.55
CA SER A 158 -9.44 -12.65 4.42
C SER A 158 -9.80 -14.15 4.28
N LEU A 159 -9.89 -14.83 5.41
CA LEU A 159 -10.26 -16.26 5.43
C LEU A 159 -11.64 -16.50 4.82
N ALA A 160 -12.54 -15.58 4.99
CA ALA A 160 -13.91 -15.74 4.41
C ALA A 160 -13.97 -15.40 2.94
N THR A 161 -13.11 -14.50 2.45
CA THR A 161 -13.28 -13.95 1.10
C THR A 161 -12.14 -14.26 0.13
N GLY A 162 -10.96 -14.59 0.64
CA GLY A 162 -9.78 -14.73 -0.18
C GLY A 162 -8.97 -13.47 -0.51
N VAL A 163 -9.47 -12.28 -0.12
CA VAL A 163 -8.83 -11.03 -0.36
C VAL A 163 -7.61 -10.98 0.57
N PRO A 164 -6.52 -10.42 0.05
CA PRO A 164 -5.28 -10.36 0.80
C PRO A 164 -5.27 -9.26 1.84
N VAL A 165 -4.26 -9.35 2.70
CA VAL A 165 -4.01 -8.36 3.76
C VAL A 165 -2.67 -7.70 3.47
N THR A 166 -2.55 -6.37 3.69
CA THR A 166 -1.29 -5.66 3.56
C THR A 166 -1.10 -4.83 4.80
N THR A 167 0.13 -4.70 5.25
CA THR A 167 0.35 -4.10 6.53
C THR A 167 1.27 -2.87 6.46
N HIS A 168 1.03 -1.98 7.42
CA HIS A 168 1.93 -0.91 7.83
C HIS A 168 2.72 -1.46 9.06
N THR A 169 4.04 -1.25 9.00
CA THR A 169 4.93 -1.60 10.11
C THR A 169 5.80 -0.40 10.45
N ALA A 170 6.33 -0.46 11.71
CA ALA A 170 7.62 0.14 12.10
C ALA A 170 8.71 -0.93 11.92
N ALA A 171 9.28 -0.97 10.71
CA ALA A 171 10.04 -2.10 10.28
C ALA A 171 11.30 -2.26 11.16
N SER A 172 11.84 -1.12 11.57
CA SER A 172 13.04 -1.17 12.47
C SER A 172 12.76 -1.81 13.84
N GLN A 173 11.49 -1.85 14.26
CA GLN A 173 11.01 -2.56 15.45
C GLN A 173 10.58 -4.01 15.21
N ARG A 174 10.74 -4.48 13.96
CA ARG A 174 10.43 -5.85 13.61
C ARG A 174 9.01 -6.17 13.82
N ASP A 175 8.08 -5.23 13.53
CA ASP A 175 6.68 -5.48 13.86
C ASP A 175 6.11 -6.68 13.11
N GLY A 176 6.63 -6.90 11.92
CA GLY A 176 6.10 -8.00 11.11
C GLY A 176 6.12 -9.32 11.83
N GLU A 177 7.06 -9.53 12.76
CA GLU A 177 7.11 -10.79 13.54
C GLU A 177 5.83 -10.96 14.37
N GLN A 178 5.39 -9.93 15.08
CA GLN A 178 4.16 -10.01 15.84
C GLN A 178 2.93 -10.05 14.96
N GLN A 179 2.97 -9.33 13.85
CA GLN A 179 1.82 -9.34 12.93
C GLN A 179 1.64 -10.79 12.42
N ALA A 180 2.73 -11.40 11.97
CA ALA A 180 2.71 -12.79 11.54
C ALA A 180 2.13 -13.75 12.59
N ALA A 181 2.57 -13.57 13.81
CA ALA A 181 2.14 -14.44 14.91
C ALA A 181 0.61 -14.34 15.08
N ILE A 182 0.11 -13.12 15.09
CA ILE A 182 -1.33 -12.92 15.21
C ILE A 182 -2.09 -13.51 14.05
N PHE A 183 -1.66 -13.21 12.83
CA PHE A 183 -2.33 -13.74 11.64
C PHE A 183 -2.34 -15.26 11.63
N GLU A 184 -1.22 -15.85 11.99
CA GLU A 184 -1.12 -17.36 12.03
C GLU A 184 -1.96 -17.98 13.11
N SER A 185 -2.14 -17.25 14.22
CA SER A 185 -2.99 -17.70 15.36
C SER A 185 -4.44 -17.78 14.84
N GLU A 186 -4.81 -16.99 13.82
CA GLU A 186 -6.15 -17.09 13.23
C GLU A 186 -6.28 -18.06 12.07
N GLY A 187 -5.20 -18.66 11.67
CA GLY A 187 -5.20 -19.56 10.54
C GLY A 187 -4.91 -19.06 9.19
N LEU A 188 -4.48 -17.78 9.07
CA LEU A 188 -4.31 -17.13 7.83
C LEU A 188 -2.97 -17.62 7.17
N SER A 189 -3.04 -17.90 5.89
CA SER A 189 -1.84 -18.25 5.11
C SER A 189 -0.96 -17.03 4.92
N PRO A 190 0.34 -17.19 5.16
CA PRO A 190 1.28 -16.09 4.84
C PRO A 190 1.24 -15.66 3.44
N SER A 191 0.89 -16.52 2.50
CA SER A 191 0.79 -16.15 1.10
C SER A 191 -0.36 -15.18 0.79
N ARG A 192 -1.19 -14.90 1.78
CA ARG A 192 -2.23 -13.92 1.61
C ARG A 192 -1.84 -12.59 2.29
N VAL A 193 -0.60 -12.43 2.72
CA VAL A 193 -0.19 -11.25 3.52
C VAL A 193 1.07 -10.62 2.98
N CYS A 194 1.00 -9.28 2.79
CA CYS A 194 2.14 -8.47 2.52
C CYS A 194 2.54 -7.66 3.75
N ILE A 195 3.73 -7.88 4.27
CA ILE A 195 4.30 -7.10 5.37
C ILE A 195 4.97 -5.83 4.77
N GLY A 196 4.33 -4.65 4.92
CA GLY A 196 4.69 -3.48 4.22
C GLY A 196 5.65 -2.59 5.04
N HIS A 197 6.05 -1.54 4.36
CA HIS A 197 7.14 -0.65 4.78
C HIS A 197 8.43 -1.39 5.15
N SER A 198 8.58 -2.58 4.54
CA SER A 198 9.73 -3.40 4.85
C SER A 198 11.03 -2.82 4.26
N ASP A 199 11.00 -1.86 3.35
CA ASP A 199 12.21 -1.20 2.89
C ASP A 199 12.72 -0.14 3.86
N ASP A 200 12.00 0.06 4.97
CA ASP A 200 12.44 1.01 6.01
C ASP A 200 13.54 0.45 6.87
N THR A 201 13.91 -0.82 6.68
CA THR A 201 14.96 -1.42 7.51
C THR A 201 15.99 -2.06 6.58
N ASP A 202 17.20 -2.19 7.09
CA ASP A 202 18.23 -3.00 6.37
C ASP A 202 18.45 -4.38 6.98
N ASP A 203 17.63 -4.80 7.94
CA ASP A 203 17.85 -5.98 8.72
C ASP A 203 17.39 -7.20 7.88
N LEU A 204 18.34 -7.84 7.20
CA LEU A 204 18.00 -9.03 6.43
C LEU A 204 17.61 -10.21 7.18
N SER A 205 18.03 -10.32 8.47
N SER A 205 18.03 -10.33 8.44
CA SER A 205 17.62 -11.38 9.38
CA SER A 205 17.58 -11.42 9.20
C SER A 205 16.10 -11.34 9.65
C SER A 205 16.06 -11.33 9.37
N TYR A 206 15.58 -10.13 9.72
CA TYR A 206 14.15 -9.87 9.85
C TYR A 206 13.41 -10.13 8.52
N LEU A 207 13.87 -9.55 7.42
CA LEU A 207 13.19 -9.67 6.13
C LEU A 207 13.13 -11.17 5.73
N THR A 208 14.26 -11.87 5.86
CA THR A 208 14.23 -13.28 5.44
C THR A 208 13.48 -14.15 6.38
N ALA A 209 13.38 -13.84 7.68
CA ALA A 209 12.57 -14.61 8.55
C ALA A 209 11.11 -14.56 8.11
N LEU A 210 10.68 -13.37 7.70
CA LEU A 210 9.30 -13.27 7.16
C LEU A 210 9.15 -14.00 5.83
N ALA A 211 10.07 -13.79 4.92
CA ALA A 211 9.92 -14.37 3.57
C ALA A 211 10.05 -15.86 3.68
N ALA A 212 10.84 -16.37 4.59
CA ALA A 212 10.95 -17.86 4.68
C ALA A 212 9.71 -18.55 5.07
N ARG A 213 8.83 -17.88 5.85
CA ARG A 213 7.54 -18.45 6.24
C ARG A 213 6.46 -18.26 5.17
N GLY A 214 6.74 -17.54 4.13
CA GLY A 214 5.84 -17.38 3.01
C GLY A 214 5.21 -16.04 2.81
N TYR A 215 5.57 -15.08 3.67
CA TYR A 215 5.04 -13.69 3.54
C TYR A 215 5.52 -12.98 2.30
N LEU A 216 4.67 -12.14 1.73
CA LEU A 216 5.09 -11.20 0.75
C LEU A 216 5.70 -10.01 1.46
N ILE A 217 6.76 -9.48 0.83
CA ILE A 217 7.54 -8.41 1.44
C ILE A 217 7.34 -7.14 0.66
N GLY A 218 6.77 -6.10 1.34
CA GLY A 218 6.43 -4.88 0.66
C GLY A 218 7.53 -3.85 0.75
N LEU A 219 8.29 -3.71 -0.35
CA LEU A 219 9.38 -2.72 -0.47
C LEU A 219 8.73 -1.53 -1.16
N ASP A 220 8.03 -0.74 -0.35
CA ASP A 220 6.96 0.13 -0.87
C ASP A 220 7.15 1.60 -0.74
N GLY A 221 8.28 2.02 -0.24
CA GLY A 221 8.57 3.43 -0.06
C GLY A 221 9.88 3.85 -0.72
N ILE A 222 10.14 3.30 -1.91
CA ILE A 222 11.51 3.44 -2.49
C ILE A 222 11.97 4.91 -2.63
N PRO A 223 11.09 5.84 -3.07
CA PRO A 223 11.60 7.21 -3.21
C PRO A 223 11.55 8.02 -1.92
N HIS A 224 11.20 7.42 -0.81
CA HIS A 224 11.09 8.16 0.45
C HIS A 224 12.51 8.39 1.00
N SER A 225 12.99 9.63 0.90
CA SER A 225 14.29 9.95 1.51
C SER A 225 14.41 11.48 1.67
N ALA A 226 14.95 11.85 2.81
CA ALA A 226 15.18 13.27 3.13
C ALA A 226 16.65 13.59 2.92
N ILE A 227 17.42 12.72 2.25
CA ILE A 227 18.82 13.12 1.93
C ILE A 227 18.85 14.44 1.16
N GLY A 228 19.59 15.39 1.68
CA GLY A 228 19.58 16.70 1.08
C GLY A 228 18.47 17.62 1.62
N LEU A 229 17.98 17.34 2.81
CA LEU A 229 16.96 18.11 3.52
C LEU A 229 17.19 17.87 5.01
N GLU A 230 18.44 17.90 5.42
CA GLU A 230 18.78 17.68 6.82
C GLU A 230 18.25 18.79 7.80
N ASP A 231 18.07 20.00 7.27
CA ASP A 231 17.46 21.15 7.93
C ASP A 231 15.96 21.04 8.28
N ASN A 232 15.26 20.12 7.64
CA ASN A 232 13.83 19.90 7.79
C ASN A 232 13.59 18.69 8.64
N ALA A 233 13.31 18.94 9.90
CA ALA A 233 13.18 17.87 10.86
C ALA A 233 11.92 17.00 10.57
N SER A 234 10.82 17.66 10.18
CA SER A 234 9.58 16.89 10.00
C SER A 234 9.73 16.00 8.76
N ALA A 235 10.34 16.49 7.71
CA ALA A 235 10.61 15.63 6.48
C ALA A 235 11.61 14.55 6.83
N SER A 236 12.67 14.85 7.61
CA SER A 236 13.59 13.76 8.00
C SER A 236 12.94 12.65 8.82
N ALA A 237 12.10 13.05 9.76
CA ALA A 237 11.39 12.10 10.57
C ALA A 237 10.46 11.17 9.79
N LEU A 238 9.76 11.71 8.81
CA LEU A 238 8.87 10.95 7.96
C LEU A 238 9.57 10.05 6.95
N LEU A 239 10.56 10.62 6.25
CA LEU A 239 11.14 10.00 5.08
C LEU A 239 12.40 9.21 5.34
N GLY A 240 13.10 9.57 6.42
CA GLY A 240 14.36 8.93 6.79
C GLY A 240 15.53 9.45 5.99
N ASN A 241 16.69 8.92 6.33
CA ASN A 241 17.96 9.42 5.77
C ASN A 241 18.73 8.32 5.06
N ARG A 242 18.01 7.27 4.68
CA ARG A 242 18.54 6.27 3.69
C ARG A 242 18.15 6.69 2.35
N SER A 243 19.06 6.46 1.36
CA SER A 243 18.80 6.78 0.04
C SER A 243 17.80 5.88 -0.68
N TRP A 244 17.22 6.41 -1.75
CA TRP A 244 16.34 5.57 -2.57
C TRP A 244 17.13 4.40 -3.12
N GLN A 245 18.44 4.61 -3.46
CA GLN A 245 19.22 3.47 -3.93
C GLN A 245 19.39 2.39 -2.88
N THR A 246 19.58 2.74 -1.62
CA THR A 246 19.71 1.81 -0.56
C THR A 246 18.42 0.99 -0.47
N ARG A 247 17.31 1.70 -0.49
CA ARG A 247 16.00 0.96 -0.47
C ARG A 247 15.82 0.04 -1.63
N ALA A 248 16.14 0.53 -2.83
CA ALA A 248 15.99 -0.26 -4.08
C ALA A 248 16.84 -1.50 -4.09
N LEU A 249 18.04 -1.39 -3.53
CA LEU A 249 18.92 -2.55 -3.46
C LEU A 249 18.40 -3.73 -2.62
N LEU A 250 17.44 -3.47 -1.69
CA LEU A 250 16.79 -4.55 -0.98
C LEU A 250 16.00 -5.41 -1.93
N ILE A 251 15.50 -4.90 -3.01
CA ILE A 251 14.79 -5.69 -4.05
C ILE A 251 15.80 -6.74 -4.66
N LYS A 252 16.96 -6.23 -5.02
CA LYS A 252 18.05 -7.11 -5.46
C LYS A 252 18.47 -8.07 -4.39
N ALA A 253 18.57 -7.69 -3.12
CA ALA A 253 18.97 -8.59 -2.08
C ALA A 253 18.04 -9.76 -1.94
N LEU A 254 16.73 -9.47 -1.97
CA LEU A 254 15.75 -10.56 -1.80
C LEU A 254 15.67 -11.45 -3.05
N ILE A 255 15.87 -10.90 -4.25
CA ILE A 255 16.01 -11.69 -5.46
C ILE A 255 17.14 -12.68 -5.30
N ASP A 256 18.25 -12.14 -4.81
CA ASP A 256 19.47 -12.96 -4.62
C ASP A 256 19.38 -14.04 -3.59
N GLN A 257 18.43 -13.94 -2.68
CA GLN A 257 18.13 -14.95 -1.69
C GLN A 257 17.07 -15.94 -2.06
N GLY A 258 16.50 -15.81 -3.24
CA GLY A 258 15.51 -16.74 -3.74
C GLY A 258 14.06 -16.34 -3.56
N TYR A 259 13.84 -15.07 -3.20
CA TYR A 259 12.48 -14.61 -2.92
C TYR A 259 11.85 -13.75 -4.01
N MET A 260 12.31 -13.83 -5.27
CA MET A 260 11.70 -12.99 -6.27
C MET A 260 10.20 -13.05 -6.37
N LYS A 261 9.60 -14.22 -6.13
CA LYS A 261 8.18 -14.31 -6.26
C LYS A 261 7.43 -13.65 -5.08
N GLN A 262 8.11 -13.19 -4.04
CA GLN A 262 7.43 -12.72 -2.85
C GLN A 262 7.66 -11.22 -2.67
N ILE A 263 8.27 -10.58 -3.62
CA ILE A 263 8.57 -9.15 -3.49
C ILE A 263 7.47 -8.33 -4.14
N LEU A 264 6.96 -7.30 -3.42
CA LEU A 264 6.04 -6.34 -4.03
C LEU A 264 6.63 -4.91 -3.85
N VAL A 265 6.74 -4.19 -4.94
CA VAL A 265 7.41 -2.89 -5.00
C VAL A 265 6.40 -1.75 -5.24
N SER A 266 6.61 -0.60 -4.55
CA SER A 266 5.78 0.54 -4.80
C SER A 266 6.50 1.77 -4.31
N ASN A 267 5.79 2.93 -4.46
CA ASN A 267 6.35 4.22 -4.09
C ASN A 267 5.78 4.77 -2.76
N ASP A 268 4.60 4.30 -2.37
CA ASP A 268 3.90 4.90 -1.25
C ASP A 268 3.80 6.41 -1.47
N TRP A 269 3.33 6.75 -2.63
CA TRP A 269 3.12 8.15 -3.00
C TRP A 269 1.69 8.59 -2.72
N LEU A 270 1.48 9.90 -2.87
CA LEU A 270 0.18 10.45 -2.66
C LEU A 270 0.10 11.75 -3.47
N PHE A 271 -1.14 12.20 -3.68
CA PHE A 271 -1.40 13.50 -4.36
C PHE A 271 -1.90 14.58 -3.43
N GLY A 272 -2.36 14.17 -2.26
CA GLY A 272 -2.74 15.08 -1.14
C GLY A 272 -2.38 14.41 0.16
N PHE A 273 -2.02 15.19 1.17
CA PHE A 273 -1.53 14.64 2.41
C PHE A 273 -1.81 15.58 3.57
N SER A 274 -2.93 15.36 4.24
CA SER A 274 -3.34 16.25 5.30
C SER A 274 -3.01 15.70 6.67
N SER A 275 -2.68 14.41 6.75
CA SER A 275 -2.42 13.82 8.09
C SER A 275 -1.00 14.01 8.60
N TYR A 276 -0.25 14.94 8.07
CA TYR A 276 1.02 15.27 8.55
C TYR A 276 1.16 16.83 8.44
N VAL A 277 2.39 17.36 8.50
CA VAL A 277 2.64 18.78 8.55
C VAL A 277 2.17 19.46 7.29
N THR A 278 1.75 20.73 7.43
CA THR A 278 1.29 21.48 6.29
C THR A 278 2.43 21.54 5.25
N ASN A 279 2.04 21.49 4.03
CA ASN A 279 3.08 21.63 2.94
C ASN A 279 4.02 20.42 2.79
N ILE A 280 3.77 19.32 3.52
CA ILE A 280 4.58 18.11 3.30
C ILE A 280 4.49 17.66 1.83
N MET A 281 3.29 17.82 1.17
CA MET A 281 3.18 17.33 -0.18
C MET A 281 4.13 18.06 -1.09
N ASP A 282 4.25 19.38 -0.87
CA ASP A 282 5.24 20.12 -1.63
C ASP A 282 6.68 19.64 -1.47
N VAL A 283 7.07 19.35 -0.24
CA VAL A 283 8.40 18.86 0.08
C VAL A 283 8.61 17.51 -0.63
N MET A 284 7.66 16.63 -0.49
CA MET A 284 7.74 15.31 -1.14
C MET A 284 7.85 15.41 -2.67
N ASP A 285 7.08 16.30 -3.25
CA ASP A 285 7.11 16.50 -4.71
C ASP A 285 8.44 17.04 -5.15
N SER A 286 9.09 17.83 -4.33
CA SER A 286 10.43 18.34 -4.63
C SER A 286 11.49 17.21 -4.63
N VAL A 287 11.33 16.28 -3.71
CA VAL A 287 12.24 15.14 -3.57
C VAL A 287 12.05 14.23 -4.77
N ASN A 288 10.81 13.98 -5.17
CA ASN A 288 10.51 12.96 -6.22
C ASN A 288 9.49 13.48 -7.13
N PRO A 289 9.93 14.32 -8.10
CA PRO A 289 8.99 14.86 -9.07
C PRO A 289 8.33 13.88 -9.98
N ASP A 290 8.89 12.66 -10.12
CA ASP A 290 8.26 11.58 -10.89
C ASP A 290 7.08 10.92 -10.15
N GLY A 291 6.94 11.20 -8.86
CA GLY A 291 5.72 10.69 -8.19
C GLY A 291 5.63 9.19 -8.31
N MET A 292 4.46 8.73 -8.70
CA MET A 292 4.18 7.26 -8.82
C MET A 292 4.94 6.62 -9.98
N ALA A 293 5.38 7.46 -10.91
CA ALA A 293 6.24 6.96 -12.03
C ALA A 293 7.65 6.64 -11.62
N PHE A 294 8.06 6.92 -10.37
CA PHE A 294 9.43 6.69 -9.92
C PHE A 294 9.83 5.20 -10.03
N ILE A 295 8.94 4.29 -9.70
CA ILE A 295 9.29 2.87 -9.85
C ILE A 295 9.66 2.53 -11.32
N PRO A 296 8.76 2.76 -12.29
CA PRO A 296 9.17 2.35 -13.61
C PRO A 296 10.24 3.23 -14.21
N LEU A 297 10.29 4.53 -13.89
CA LEU A 297 11.28 5.39 -14.56
C LEU A 297 12.61 5.34 -14.02
N ARG A 298 12.74 5.11 -12.72
N ARG A 298 12.75 5.15 -12.70
CA ARG A 298 14.00 5.21 -12.06
CA ARG A 298 14.03 5.22 -12.05
C ARG A 298 14.45 3.89 -11.39
C ARG A 298 14.43 3.86 -11.46
N VAL A 299 13.53 3.16 -10.75
CA VAL A 299 13.94 1.97 -10.05
C VAL A 299 14.23 0.78 -11.00
N ILE A 300 13.38 0.60 -11.98
CA ILE A 300 13.55 -0.52 -12.88
C ILE A 300 14.88 -0.38 -13.62
N PRO A 301 15.16 0.79 -14.19
CA PRO A 301 16.45 0.90 -14.89
C PRO A 301 17.61 0.77 -13.99
N PHE A 302 17.54 1.28 -12.74
CA PHE A 302 18.57 1.11 -11.77
C PHE A 302 18.92 -0.35 -11.49
N LEU A 303 17.89 -1.12 -11.25
CA LEU A 303 18.04 -2.55 -11.00
C LEU A 303 18.58 -3.30 -12.23
N ARG A 304 18.16 -2.89 -13.40
CA ARG A 304 18.73 -3.53 -14.65
C ARG A 304 20.22 -3.28 -14.72
N GLU A 305 20.61 -2.04 -14.43
CA GLU A 305 22.03 -1.66 -14.51
C GLU A 305 22.79 -2.44 -13.42
N LYS A 306 22.17 -2.78 -12.28
CA LYS A 306 22.82 -3.58 -11.29
C LYS A 306 22.73 -5.11 -11.57
N GLY A 307 22.20 -5.53 -12.71
CA GLY A 307 22.22 -6.94 -13.13
C GLY A 307 21.00 -7.75 -12.94
N VAL A 308 19.90 -7.11 -12.50
CA VAL A 308 18.65 -7.81 -12.48
C VAL A 308 18.02 -7.82 -13.90
N SER A 309 17.47 -8.94 -14.24
CA SER A 309 16.93 -9.21 -15.53
C SER A 309 15.62 -8.51 -15.77
N GLN A 310 15.35 -8.20 -17.01
CA GLN A 310 14.00 -7.72 -17.41
C GLN A 310 12.92 -8.67 -17.03
N GLU A 311 13.14 -9.97 -17.23
CA GLU A 311 12.12 -10.95 -16.93
C GLU A 311 11.81 -11.00 -15.42
N THR A 312 12.83 -10.92 -14.61
CA THR A 312 12.62 -10.97 -13.17
C THR A 312 11.80 -9.74 -12.71
N LEU A 313 12.19 -8.58 -13.25
CA LEU A 313 11.44 -7.34 -12.95
C LEU A 313 10.00 -7.37 -13.40
N ALA A 314 9.73 -7.93 -14.57
CA ALA A 314 8.33 -8.16 -14.96
C ALA A 314 7.57 -9.07 -14.07
N GLY A 315 8.24 -10.14 -13.58
CA GLY A 315 7.60 -11.02 -12.66
C GLY A 315 7.23 -10.29 -11.33
N ILE A 316 8.11 -9.40 -10.93
CA ILE A 316 7.90 -8.63 -9.66
C ILE A 316 6.72 -7.66 -9.81
N THR A 317 6.67 -6.96 -10.92
CA THR A 317 5.70 -5.81 -11.17
C THR A 317 4.39 -6.24 -11.79
N VAL A 318 4.34 -7.45 -12.37
CA VAL A 318 3.16 -7.92 -13.00
C VAL A 318 2.68 -9.22 -12.40
N THR A 319 3.51 -10.28 -12.38
CA THR A 319 3.05 -11.58 -11.90
C THR A 319 2.71 -11.58 -10.38
N ASN A 320 3.62 -11.03 -9.56
CA ASN A 320 3.46 -11.13 -8.10
C ASN A 320 2.16 -10.35 -7.69
N PRO A 321 1.97 -9.13 -8.20
CA PRO A 321 0.72 -8.45 -7.74
C PRO A 321 -0.54 -9.16 -8.14
N ALA A 322 -0.53 -9.71 -9.35
CA ALA A 322 -1.70 -10.53 -9.75
C ALA A 322 -1.95 -11.72 -8.87
N ARG A 323 -0.88 -12.46 -8.52
CA ARG A 323 -1.03 -13.60 -7.66
C ARG A 323 -1.52 -13.21 -6.29
N PHE A 324 -1.02 -12.07 -5.82
CA PHE A 324 -1.42 -11.56 -4.50
C PHE A 324 -2.89 -11.11 -4.47
N LEU A 325 -3.29 -10.31 -5.47
CA LEU A 325 -4.61 -9.68 -5.46
C LEU A 325 -5.71 -10.65 -5.80
N SER A 326 -5.34 -11.71 -6.53
N SER A 326 -5.46 -11.57 -6.72
CA SER A 326 -6.30 -12.75 -6.96
CA SER A 326 -6.56 -12.44 -7.15
C SER A 326 -6.98 -13.43 -5.74
C SER A 326 -7.02 -13.26 -5.90
N PRO A 327 -8.32 -13.24 -5.56
CA PRO A 327 -8.86 -13.85 -4.38
C PRO A 327 -8.70 -15.34 -4.30
N THR A 328 -8.20 -15.84 -3.18
CA THR A 328 -7.88 -17.27 -2.95
C THR A 328 -7.67 -17.61 -1.45
N LEU A 329 -7.88 -18.80 -0.93
CA LEU A 329 -7.29 -19.02 0.46
C LEU A 329 -5.70 -19.22 0.53
N ARG A 330 -5.05 -19.61 -0.58
CA ARG A 330 -3.57 -19.94 -0.60
C ARG A 330 -3.02 -19.64 -2.03
N ALA A 331 -1.92 -18.86 -2.12
CA ALA A 331 -1.30 -18.33 -3.41
C ALA A 331 0.26 -18.28 -3.63
#